data_2CZ9
#
_entry.id   2CZ9
#
_cell.length_a   106.081
_cell.length_b   38.905
_cell.length_c   81.566
_cell.angle_alpha   90.00
_cell.angle_beta   109.81
_cell.angle_gamma   90.00
#
_symmetry.space_group_name_H-M   'C 1 2 1'
#
loop_
_entity.id
_entity.type
_entity.pdbx_description
1 polymer 'Probable galactokinase'
2 non-polymer 'CHLORIDE ION'
3 non-polymer GLYCEROL
4 water water
#
_entity_poly.entity_id   1
_entity_poly.type   'polypeptide(L)'
_entity_poly.pdbx_seq_one_letter_code
;MIKVKSPGRVNLIGEHTDYTYGYVMPMAINLYTKIEAEKHGEVILYSEHFGEERKFSLNDLRKENSWIDYVKGIFWVLKE
SDYEVGGIKGRVSGNLPLGAGLSSSASFEVGILETLDKLYNLKLDSLSKVLLAKKAENEFVGVPCGILDQFAVVFGREGN
VIFLDTHTLDYEYIPFPKDVSILVFYTGVRRELASSEYAERKHIAEESLKILGKGSSKEVREGELSKLPPLHRKFFGYIV
RENARVLEVRDALKEGNVEEVGKILTTAHWDLAKNYEVSCKELDFFVERALKLGAYGARLTGAGFGGSAIALVDKEDAET
IGEEILREYLKRFPWKARHFIVEPSDGVGI
;
_entity_poly.pdbx_strand_id   A
#
loop_
_chem_comp.id
_chem_comp.type
_chem_comp.name
_chem_comp.formula
CL non-polymer 'CHLORIDE ION' 'Cl -1'
GOL non-polymer GLYCEROL 'C3 H8 O3'
#
# COMPACT_ATOMS: atom_id res chain seq x y z
N MET A 1 14.84 -24.82 7.37
CA MET A 1 14.96 -23.50 6.68
C MET A 1 13.81 -23.30 5.72
N ILE A 2 13.12 -22.18 5.84
CA ILE A 2 12.00 -21.90 4.94
C ILE A 2 12.21 -20.58 4.23
N LYS A 3 11.50 -20.43 3.12
CA LYS A 3 11.57 -19.21 2.33
C LYS A 3 10.17 -18.64 2.16
N VAL A 4 10.05 -17.35 2.42
CA VAL A 4 8.78 -16.64 2.30
C VAL A 4 8.94 -15.52 1.29
N LYS A 5 7.93 -15.33 0.45
CA LYS A 5 7.94 -14.24 -0.52
C LYS A 5 6.72 -13.39 -0.17
N SER A 6 6.97 -12.16 0.24
CA SER A 6 5.90 -11.24 0.63
C SER A 6 5.86 -10.11 -0.39
N PRO A 7 4.75 -9.99 -1.14
CA PRO A 7 4.64 -8.95 -2.15
C PRO A 7 4.45 -7.54 -1.62
N GLY A 8 4.68 -6.58 -2.52
CA GLY A 8 4.43 -5.20 -2.20
C GLY A 8 3.00 -4.97 -2.69
N ARG A 9 2.58 -3.72 -2.77
CA ARG A 9 1.23 -3.47 -3.22
C ARG A 9 1.08 -2.16 -3.96
N VAL A 10 0.03 -2.11 -4.76
CA VAL A 10 -0.35 -0.92 -5.51
C VAL A 10 -1.85 -0.75 -5.33
N ASN A 11 -2.27 0.45 -4.98
CA ASN A 11 -3.69 0.72 -4.83
C ASN A 11 -4.13 1.30 -6.17
N LEU A 12 -5.11 0.67 -6.79
CA LEU A 12 -5.59 1.12 -8.09
C LEU A 12 -6.44 2.38 -7.96
N ILE A 13 -7.33 2.38 -6.98
CA ILE A 13 -8.23 3.51 -6.74
C ILE A 13 -8.72 3.37 -5.30
N GLY A 14 -9.16 4.48 -4.70
CA GLY A 14 -9.62 4.44 -3.33
C GLY A 14 -8.49 4.87 -2.40
N GLU A 15 -7.98 6.08 -2.65
CA GLU A 15 -6.89 6.64 -1.87
C GLU A 15 -7.43 7.59 -0.82
N HIS A 16 -6.83 7.53 0.37
CA HIS A 16 -7.24 8.38 1.48
C HIS A 16 -8.69 8.18 1.87
N THR A 17 -9.14 6.93 1.77
CA THR A 17 -10.50 6.58 2.14
C THR A 17 -10.55 5.56 3.28
N ASP A 18 -9.48 4.79 3.46
CA ASP A 18 -9.54 3.77 4.50
C ASP A 18 -9.63 4.27 5.94
N TYR A 19 -9.13 5.46 6.22
CA TYR A 19 -9.23 5.95 7.59
C TYR A 19 -10.61 6.53 7.93
N THR A 20 -11.52 6.56 6.95
CA THR A 20 -12.90 6.96 7.22
C THR A 20 -13.76 5.75 6.86
N TYR A 21 -13.12 4.60 6.80
CA TYR A 21 -13.78 3.33 6.50
C TYR A 21 -14.56 3.31 5.20
N GLY A 22 -13.90 3.77 4.14
CA GLY A 22 -14.49 3.81 2.83
C GLY A 22 -14.05 2.62 1.99
N TYR A 23 -14.14 2.77 0.67
CA TYR A 23 -13.76 1.69 -0.24
C TYR A 23 -12.35 1.84 -0.77
N VAL A 24 -11.68 0.70 -0.98
CA VAL A 24 -10.33 0.69 -1.55
C VAL A 24 -10.23 -0.45 -2.55
N MET A 25 -9.26 -0.36 -3.46
CA MET A 25 -9.08 -1.41 -4.46
C MET A 25 -7.60 -1.64 -4.78
N PRO A 26 -6.89 -2.30 -3.86
CA PRO A 26 -5.47 -2.60 -4.05
C PRO A 26 -5.20 -3.95 -4.68
N MET A 27 -3.94 -4.18 -5.00
CA MET A 27 -3.51 -5.45 -5.55
C MET A 27 -2.12 -5.71 -5.00
N ALA A 28 -1.77 -6.99 -4.85
CA ALA A 28 -0.43 -7.35 -4.44
C ALA A 28 0.31 -7.29 -5.79
N ILE A 29 1.59 -6.93 -5.77
CA ILE A 29 2.36 -6.84 -7.02
C ILE A 29 3.52 -7.82 -7.00
N ASN A 30 4.08 -8.12 -8.18
CA ASN A 30 5.18 -9.06 -8.29
C ASN A 30 6.58 -8.48 -8.05
N LEU A 31 6.71 -7.81 -6.92
CA LEU A 31 7.97 -7.26 -6.42
C LEU A 31 7.88 -7.68 -4.96
N TYR A 32 8.93 -8.31 -4.45
CA TYR A 32 8.86 -8.86 -3.10
C TYR A 32 9.94 -8.60 -2.09
N THR A 33 9.58 -8.91 -0.85
CA THR A 33 10.53 -8.89 0.25
C THR A 33 10.66 -10.39 0.46
N LYS A 34 11.88 -10.91 0.37
CA LYS A 34 12.11 -12.33 0.54
C LYS A 34 12.77 -12.60 1.88
N ILE A 35 12.31 -13.64 2.57
CA ILE A 35 12.89 -14.00 3.86
C ILE A 35 13.21 -15.49 3.87
N GLU A 36 14.45 -15.81 4.22
CA GLU A 36 14.90 -17.19 4.33
C GLU A 36 15.34 -17.31 5.78
N ALA A 37 14.72 -18.20 6.53
CA ALA A 37 15.06 -18.31 7.93
C ALA A 37 14.77 -19.66 8.57
N GLU A 38 15.37 -19.85 9.75
CA GLU A 38 15.21 -21.08 10.52
C GLU A 38 15.08 -20.66 11.99
N LYS A 39 14.65 -21.60 12.85
CA LYS A 39 14.52 -21.28 14.27
C LYS A 39 15.87 -20.94 14.88
N HIS A 40 15.85 -20.13 15.93
CA HIS A 40 17.07 -19.72 16.63
C HIS A 40 16.70 -19.24 18.03
N GLY A 41 17.69 -19.18 18.92
CA GLY A 41 17.47 -18.74 20.28
C GLY A 41 17.18 -17.25 20.38
N GLU A 42 17.72 -16.48 19.46
CA GLU A 42 17.46 -15.05 19.43
C GLU A 42 17.02 -14.68 18.03
N VAL A 43 16.92 -13.39 17.74
CA VAL A 43 16.50 -12.95 16.42
C VAL A 43 17.69 -12.29 15.71
N ILE A 44 18.15 -12.94 14.64
CA ILE A 44 19.29 -12.46 13.87
C ILE A 44 18.91 -12.40 12.41
N LEU A 45 18.98 -11.20 11.83
CA LEU A 45 18.62 -11.02 10.44
C LEU A 45 19.60 -10.17 9.68
N TYR A 46 19.98 -10.65 8.51
CA TYR A 46 20.88 -9.89 7.64
C TYR A 46 20.01 -9.26 6.57
N SER A 47 20.10 -7.95 6.43
CA SER A 47 19.35 -7.21 5.42
C SER A 47 20.22 -6.92 4.20
N GLU A 48 19.80 -7.44 3.05
CA GLU A 48 20.56 -7.24 1.82
C GLU A 48 20.56 -5.78 1.40
N HIS A 49 19.46 -5.08 1.64
CA HIS A 49 19.40 -3.68 1.27
C HIS A 49 20.38 -2.85 2.07
N PHE A 50 20.29 -2.94 3.40
CA PHE A 50 21.18 -2.17 4.25
C PHE A 50 22.57 -2.79 4.33
N GLY A 51 22.72 -4.00 3.82
CA GLY A 51 24.00 -4.69 3.85
C GLY A 51 24.54 -4.79 5.26
N GLU A 52 23.69 -5.22 6.18
CA GLU A 52 24.10 -5.34 7.57
C GLU A 52 23.21 -6.32 8.33
N GLU A 53 23.74 -6.80 9.45
CA GLU A 53 23.00 -7.71 10.30
C GLU A 53 22.55 -6.92 11.52
N ARG A 54 21.32 -7.19 11.95
CA ARG A 54 20.79 -6.57 13.15
C ARG A 54 20.17 -7.70 13.94
N LYS A 55 20.32 -7.66 15.25
CA LYS A 55 19.79 -8.73 16.08
C LYS A 55 19.29 -8.21 17.41
N PHE A 56 18.51 -9.06 18.07
CA PHE A 56 18.00 -8.73 19.38
C PHE A 56 17.58 -9.98 20.12
N SER A 57 17.70 -9.95 21.44
CA SER A 57 17.25 -11.06 22.25
C SER A 57 15.73 -11.04 22.21
C SER A 57 15.74 -11.14 22.15
N LEU A 58 15.09 -12.18 22.43
N LEU A 58 15.22 -12.35 22.14
CA LEU A 58 13.63 -12.24 22.44
CA LEU A 58 13.78 -12.59 22.02
C LEU A 58 13.13 -11.40 23.61
C LEU A 58 12.91 -11.64 22.84
N ASN A 59 14.00 -11.24 24.60
N ASN A 59 13.30 -11.38 24.08
CA ASN A 59 13.69 -10.47 25.80
CA ASN A 59 12.52 -10.51 24.95
C ASN A 59 13.74 -8.98 25.52
C ASN A 59 12.95 -9.05 24.99
N ASP A 60 14.27 -8.60 24.37
N ASP A 60 13.89 -8.68 24.11
CA ASP A 60 14.41 -7.19 24.05
CA ASP A 60 14.36 -7.30 24.03
C ASP A 60 13.58 -6.66 22.88
N LEU A 61 12.39 -6.15 23.18
CA LEU A 61 11.56 -5.57 22.14
C LEU A 61 11.55 -4.06 22.23
N ARG A 62 12.64 -3.50 22.74
CA ARG A 62 12.77 -2.05 22.87
C ARG A 62 13.03 -1.46 21.48
N LYS A 63 12.40 -0.32 21.19
CA LYS A 63 12.59 0.32 19.90
C LYS A 63 14.02 0.82 19.78
N GLU A 64 14.63 0.56 18.62
CA GLU A 64 16.01 0.99 18.38
C GLU A 64 16.08 2.02 17.25
N ASN A 65 14.91 2.37 16.72
CA ASN A 65 14.81 3.33 15.62
C ASN A 65 15.65 2.96 14.40
N SER A 66 15.42 1.74 13.91
CA SER A 66 16.09 1.21 12.73
C SER A 66 15.12 0.21 12.12
N TRP A 67 15.47 -0.34 10.97
CA TRP A 67 14.60 -1.31 10.31
C TRP A 67 14.27 -2.51 11.19
N ILE A 68 15.11 -2.80 12.18
CA ILE A 68 14.85 -3.95 13.04
C ILE A 68 13.57 -3.77 13.84
N ASP A 69 13.11 -2.52 13.98
CA ASP A 69 11.88 -2.25 14.72
C ASP A 69 10.66 -2.89 14.09
N TYR A 70 10.71 -3.09 12.76
CA TYR A 70 9.58 -3.71 12.08
C TYR A 70 9.50 -5.17 12.50
N VAL A 71 10.67 -5.78 12.73
CA VAL A 71 10.70 -7.17 13.15
C VAL A 71 10.25 -7.24 14.62
N LYS A 72 10.76 -6.34 15.45
CA LYS A 72 10.37 -6.32 16.85
C LYS A 72 8.86 -6.11 17.01
N GLY A 73 8.27 -5.28 16.15
CA GLY A 73 6.84 -5.03 16.23
C GLY A 73 6.03 -6.30 16.08
N ILE A 74 6.46 -7.18 15.18
CA ILE A 74 5.74 -8.43 14.97
C ILE A 74 5.90 -9.35 16.19
N PHE A 75 7.10 -9.43 16.75
CA PHE A 75 7.26 -10.25 17.93
C PHE A 75 6.43 -9.65 19.07
N TRP A 76 6.36 -8.32 19.13
CA TRP A 76 5.59 -7.66 20.16
C TRP A 76 4.10 -7.95 20.03
N VAL A 77 3.56 -7.86 18.81
CA VAL A 77 2.14 -8.08 18.64
C VAL A 77 1.75 -9.53 18.89
N LEU A 78 2.66 -10.46 18.58
CA LEU A 78 2.34 -11.86 18.80
C LEU A 78 2.30 -12.12 20.31
N LYS A 79 3.23 -11.55 21.06
CA LYS A 79 3.25 -11.74 22.50
C LYS A 79 2.03 -11.08 23.13
N GLU A 80 1.71 -9.89 22.63
CA GLU A 80 0.56 -9.12 23.11
C GLU A 80 -0.74 -9.85 22.80
N SER A 81 -0.71 -10.69 21.76
CA SER A 81 -1.88 -11.44 21.34
C SER A 81 -1.89 -12.86 21.88
N ASP A 82 -1.10 -13.09 22.92
CA ASP A 82 -1.03 -14.39 23.58
C ASP A 82 -0.45 -15.55 22.76
N TYR A 83 0.60 -15.28 21.99
CA TYR A 83 1.26 -16.33 21.23
C TYR A 83 2.66 -16.50 21.78
N GLU A 84 3.14 -17.74 21.78
CA GLU A 84 4.49 -18.03 22.24
C GLU A 84 5.28 -18.45 21.01
N VAL A 85 6.26 -17.64 20.63
CA VAL A 85 7.12 -17.96 19.49
C VAL A 85 8.56 -17.78 19.92
N GLY A 86 9.46 -18.45 19.21
CA GLY A 86 10.87 -18.38 19.52
C GLY A 86 11.57 -17.49 18.50
N GLY A 87 12.90 -17.48 18.55
CA GLY A 87 13.66 -16.66 17.64
C GLY A 87 13.81 -17.23 16.24
N ILE A 88 14.48 -16.47 15.39
CA ILE A 88 14.74 -16.87 14.02
C ILE A 88 16.06 -16.28 13.58
N LYS A 89 16.74 -16.95 12.66
CA LYS A 89 17.99 -16.47 12.10
C LYS A 89 17.81 -16.59 10.60
N GLY A 90 18.12 -15.53 9.87
CA GLY A 90 17.94 -15.59 8.43
C GLY A 90 18.39 -14.37 7.68
N ARG A 91 17.95 -14.30 6.43
CA ARG A 91 18.33 -13.24 5.51
C ARG A 91 17.10 -12.60 4.88
N VAL A 92 17.13 -11.28 4.74
CA VAL A 92 16.04 -10.53 4.12
C VAL A 92 16.55 -9.92 2.82
N SER A 93 15.89 -10.26 1.71
CA SER A 93 16.29 -9.74 0.40
C SER A 93 15.05 -9.47 -0.45
N GLY A 94 15.16 -9.63 -1.77
CA GLY A 94 14.01 -9.39 -2.62
C GLY A 94 14.18 -8.16 -3.51
N ASN A 95 13.28 -7.99 -4.47
CA ASN A 95 13.37 -6.86 -5.39
C ASN A 95 12.39 -5.71 -5.16
N LEU A 96 11.69 -5.70 -4.04
CA LEU A 96 10.77 -4.60 -3.76
C LEU A 96 11.61 -3.40 -3.34
N PRO A 97 11.60 -2.32 -4.12
CA PRO A 97 12.39 -1.13 -3.79
C PRO A 97 12.03 -0.51 -2.45
N LEU A 98 13.06 -0.23 -1.65
CA LEU A 98 12.86 0.34 -0.33
C LEU A 98 12.38 1.80 -0.34
N GLY A 99 11.27 2.03 0.38
CA GLY A 99 10.72 3.36 0.49
C GLY A 99 10.22 4.03 -0.78
N ALA A 100 9.85 3.24 -1.78
CA ALA A 100 9.36 3.80 -3.03
C ALA A 100 7.85 4.03 -3.01
N GLY A 101 7.22 3.70 -1.88
CA GLY A 101 5.78 3.89 -1.76
C GLY A 101 4.96 2.68 -2.20
N LEU A 102 5.61 1.52 -2.26
CA LEU A 102 4.94 0.28 -2.65
C LEU A 102 4.74 -0.62 -1.43
N SER A 103 4.74 0.00 -0.27
CA SER A 103 4.55 -0.64 1.03
C SER A 103 5.67 -1.55 1.50
N SER A 104 6.86 -0.99 1.61
CA SER A 104 8.02 -1.73 2.08
C SER A 104 7.74 -2.25 3.48
N SER A 105 7.11 -1.41 4.31
CA SER A 105 6.82 -1.80 5.69
C SER A 105 5.85 -2.97 5.82
N ALA A 106 4.69 -2.89 5.17
CA ALA A 106 3.71 -3.98 5.28
C ALA A 106 4.26 -5.25 4.65
N SER A 107 4.97 -5.13 3.55
CA SER A 107 5.53 -6.30 2.89
C SER A 107 6.49 -7.01 3.84
N PHE A 108 7.35 -6.25 4.50
CA PHE A 108 8.32 -6.80 5.44
C PHE A 108 7.66 -7.37 6.68
N GLU A 109 6.77 -6.58 7.28
CA GLU A 109 6.08 -7.00 8.50
C GLU A 109 5.29 -8.28 8.28
N VAL A 110 4.52 -8.34 7.20
CA VAL A 110 3.73 -9.52 6.91
C VAL A 110 4.66 -10.70 6.60
N GLY A 111 5.81 -10.41 5.97
CA GLY A 111 6.75 -11.47 5.66
C GLY A 111 7.31 -12.11 6.92
N ILE A 112 7.67 -11.28 7.89
CA ILE A 112 8.19 -11.78 9.16
C ILE A 112 7.11 -12.59 9.87
N LEU A 113 5.88 -12.08 9.85
CA LEU A 113 4.77 -12.77 10.50
C LEU A 113 4.56 -14.15 9.86
N GLU A 114 4.61 -14.20 8.53
CA GLU A 114 4.42 -15.46 7.81
C GLU A 114 5.55 -16.44 8.13
N THR A 115 6.77 -15.91 8.25
CA THR A 115 7.92 -16.75 8.58
C THR A 115 7.71 -17.39 9.94
N LEU A 116 7.28 -16.60 10.92
CA LEU A 116 7.04 -17.14 12.24
C LEU A 116 5.85 -18.09 12.24
N ASP A 117 4.83 -17.75 11.46
CA ASP A 117 3.64 -18.60 11.37
C ASP A 117 4.04 -20.00 10.90
N LYS A 118 4.89 -20.08 9.88
CA LYS A 118 5.31 -21.37 9.37
C LYS A 118 6.30 -22.11 10.24
N LEU A 119 7.32 -21.41 10.74
CA LEU A 119 8.32 -22.06 11.57
C LEU A 119 7.74 -22.56 12.89
N TYR A 120 6.81 -21.80 13.46
CA TYR A 120 6.23 -22.19 14.74
C TYR A 120 4.83 -22.78 14.67
N ASN A 121 4.36 -23.04 13.45
CA ASN A 121 3.04 -23.64 13.22
C ASN A 121 1.91 -22.93 13.95
N LEU A 122 1.84 -21.62 13.78
CA LEU A 122 0.80 -20.84 14.45
C LEU A 122 -0.57 -21.00 13.80
N LYS A 123 -0.58 -21.47 12.56
CA LYS A 123 -1.82 -21.69 11.80
C LYS A 123 -2.74 -20.48 11.79
N LEU A 124 -2.16 -19.31 11.52
CA LEU A 124 -2.94 -18.08 11.48
C LEU A 124 -3.80 -18.01 10.24
N ASP A 125 -5.02 -17.52 10.39
CA ASP A 125 -5.90 -17.36 9.23
C ASP A 125 -5.48 -16.04 8.60
N SER A 126 -5.84 -15.84 7.33
CA SER A 126 -5.46 -14.62 6.62
C SER A 126 -5.89 -13.31 7.27
N LEU A 127 -7.14 -13.20 7.71
CA LEU A 127 -7.56 -11.96 8.33
C LEU A 127 -6.76 -11.67 9.61
N SER A 128 -6.46 -12.70 10.39
CA SER A 128 -5.68 -12.48 11.59
C SER A 128 -4.31 -11.92 11.25
N LYS A 129 -3.73 -12.42 10.16
CA LYS A 129 -2.41 -11.93 9.74
C LYS A 129 -2.48 -10.42 9.46
N VAL A 130 -3.54 -10.01 8.76
CA VAL A 130 -3.74 -8.60 8.44
C VAL A 130 -3.88 -7.76 9.70
N LEU A 131 -4.72 -8.21 10.63
CA LEU A 131 -4.96 -7.47 11.86
C LEU A 131 -3.72 -7.35 12.74
N LEU A 132 -2.96 -8.44 12.83
CA LEU A 132 -1.75 -8.43 13.64
C LEU A 132 -0.72 -7.47 13.05
N ALA A 133 -0.52 -7.54 11.75
CA ALA A 133 0.45 -6.67 11.09
C ALA A 133 0.04 -5.20 11.23
N LYS A 134 -1.25 -4.92 11.10
CA LYS A 134 -1.72 -3.54 11.24
C LYS A 134 -1.50 -3.04 12.67
N LYS A 135 -1.78 -3.89 13.65
CA LYS A 135 -1.61 -3.51 15.05
C LYS A 135 -0.15 -3.26 15.37
N ALA A 136 0.74 -4.06 14.79
CA ALA A 136 2.17 -3.86 15.01
C ALA A 136 2.59 -2.50 14.46
N GLU A 137 2.16 -2.20 13.24
CA GLU A 137 2.50 -0.93 12.61
C GLU A 137 1.93 0.26 13.39
N ASN A 138 0.67 0.15 13.77
CA ASN A 138 -0.02 1.22 14.50
C ASN A 138 0.47 1.46 15.92
N GLU A 139 0.50 0.40 16.72
CA GLU A 139 0.87 0.51 18.13
C GLU A 139 2.32 0.36 18.50
N PHE A 140 3.10 -0.41 17.74
CA PHE A 140 4.50 -0.56 18.07
C PHE A 140 5.38 0.41 17.28
N VAL A 141 5.31 0.34 15.96
CA VAL A 141 6.11 1.22 15.13
C VAL A 141 5.63 2.66 15.31
N GLY A 142 4.33 2.83 15.48
CA GLY A 142 3.78 4.16 15.70
C GLY A 142 3.30 4.91 14.47
N VAL A 143 2.94 4.19 13.42
CA VAL A 143 2.45 4.81 12.19
C VAL A 143 0.96 4.53 12.08
N PRO A 144 0.12 5.58 12.08
CA PRO A 144 -1.34 5.52 12.00
C PRO A 144 -1.93 5.23 10.62
N CYS A 145 -1.68 4.03 10.11
CA CYS A 145 -2.16 3.63 8.79
C CYS A 145 -3.51 2.92 8.83
N GLY A 146 -4.15 2.83 7.67
CA GLY A 146 -5.41 2.14 7.55
C GLY A 146 -5.13 0.66 7.37
N ILE A 147 -6.04 -0.07 6.78
CA ILE A 147 -5.87 -1.52 6.60
C ILE A 147 -5.45 -1.92 5.18
N LEU A 148 -5.52 -0.96 4.27
CA LEU A 148 -5.20 -1.14 2.87
C LEU A 148 -3.95 -1.97 2.53
N ASP A 149 -2.80 -1.51 3.01
CA ASP A 149 -1.53 -2.18 2.72
C ASP A 149 -1.47 -3.62 3.19
N GLN A 150 -1.78 -3.83 4.45
CA GLN A 150 -1.75 -5.17 5.03
C GLN A 150 -2.72 -6.11 4.33
N PHE A 151 -3.92 -5.61 4.01
CA PHE A 151 -4.91 -6.45 3.37
C PHE A 151 -4.42 -6.92 2.00
N ALA A 152 -3.86 -6.01 1.22
CA ALA A 152 -3.37 -6.35 -0.10
C ALA A 152 -2.23 -7.36 -0.08
N VAL A 153 -1.27 -7.16 0.83
CA VAL A 153 -0.11 -8.05 0.90
C VAL A 153 -0.50 -9.48 1.28
N VAL A 154 -1.54 -9.63 2.08
CA VAL A 154 -2.00 -10.95 2.49
C VAL A 154 -3.01 -11.58 1.52
N PHE A 155 -4.04 -10.82 1.16
CA PHE A 155 -5.12 -11.32 0.32
C PHE A 155 -4.97 -11.26 -1.19
N GLY A 156 -3.87 -10.71 -1.67
CA GLY A 156 -3.70 -10.63 -3.12
C GLY A 156 -3.90 -11.95 -3.84
N ARG A 157 -4.41 -11.88 -5.06
CA ARG A 157 -4.60 -13.07 -5.89
C ARG A 157 -4.13 -12.74 -7.30
N GLU A 158 -3.30 -13.61 -7.86
CA GLU A 158 -2.77 -13.39 -9.20
C GLU A 158 -3.85 -13.03 -10.21
N GLY A 159 -3.59 -11.99 -11.01
CA GLY A 159 -4.53 -11.55 -12.02
C GLY A 159 -5.75 -10.82 -11.53
N ASN A 160 -5.81 -10.53 -10.24
CA ASN A 160 -6.96 -9.83 -9.67
C ASN A 160 -6.61 -8.66 -8.76
N VAL A 161 -7.54 -7.73 -8.66
CA VAL A 161 -7.40 -6.62 -7.74
C VAL A 161 -8.44 -6.95 -6.66
N ILE A 162 -8.32 -6.32 -5.51
CA ILE A 162 -9.23 -6.58 -4.39
C ILE A 162 -10.15 -5.41 -4.10
N PHE A 163 -11.45 -5.58 -4.32
CA PHE A 163 -12.39 -4.51 -3.96
C PHE A 163 -12.69 -4.77 -2.48
N LEU A 164 -12.37 -3.80 -1.64
CA LEU A 164 -12.55 -3.96 -0.21
C LEU A 164 -13.34 -2.84 0.47
N ASP A 165 -14.32 -3.23 1.27
CA ASP A 165 -15.11 -2.30 2.05
C ASP A 165 -14.37 -2.33 3.38
N THR A 166 -13.66 -1.24 3.71
CA THR A 166 -12.88 -1.21 4.94
C THR A 166 -13.68 -1.07 6.21
N HIS A 167 -14.98 -0.84 6.08
CA HIS A 167 -15.83 -0.72 7.27
C HIS A 167 -16.28 -2.11 7.72
N THR A 168 -16.70 -2.93 6.76
CA THR A 168 -17.19 -4.28 7.06
C THR A 168 -16.16 -5.38 6.80
N LEU A 169 -15.13 -5.04 6.03
CA LEU A 169 -14.08 -5.98 5.66
C LEU A 169 -14.56 -7.01 4.65
N ASP A 170 -15.71 -6.75 4.03
CA ASP A 170 -16.25 -7.61 2.99
C ASP A 170 -15.40 -7.27 1.77
N TYR A 171 -15.01 -8.28 0.99
CA TYR A 171 -14.19 -8.01 -0.18
C TYR A 171 -14.53 -8.95 -1.32
N GLU A 172 -14.05 -8.61 -2.51
N GLU A 172 -14.05 -8.59 -2.50
CA GLU A 172 -14.29 -9.46 -3.67
CA GLU A 172 -14.31 -9.34 -3.71
C GLU A 172 -13.16 -9.26 -4.66
C GLU A 172 -13.13 -9.23 -4.66
N TYR A 173 -12.82 -10.33 -5.36
CA TYR A 173 -11.75 -10.30 -6.34
C TYR A 173 -12.30 -9.88 -7.69
N ILE A 174 -11.66 -8.90 -8.31
CA ILE A 174 -12.07 -8.42 -9.62
C ILE A 174 -10.92 -8.67 -10.59
N PRO A 175 -11.20 -9.32 -11.71
CA PRO A 175 -10.17 -9.63 -12.70
C PRO A 175 -9.56 -8.38 -13.33
N PHE A 176 -8.25 -8.42 -13.54
CA PHE A 176 -7.53 -7.32 -14.17
C PHE A 176 -7.37 -7.68 -15.65
N PRO A 177 -7.59 -6.73 -16.56
CA PRO A 177 -7.47 -6.93 -18.02
C PRO A 177 -6.19 -7.64 -18.46
N LYS A 178 -6.34 -8.62 -19.34
CA LYS A 178 -5.22 -9.40 -19.85
C LYS A 178 -3.95 -8.66 -20.26
N ASP A 179 -3.96 -7.99 -21.41
CA ASP A 179 -2.77 -7.30 -21.87
C ASP A 179 -2.67 -5.81 -21.54
N VAL A 180 -3.01 -5.49 -20.30
CA VAL A 180 -2.90 -4.12 -19.81
C VAL A 180 -1.89 -4.23 -18.67
N SER A 181 -0.83 -3.45 -18.74
CA SER A 181 0.19 -3.49 -17.71
C SER A 181 0.09 -2.29 -16.78
N ILE A 182 0.58 -2.48 -15.57
CA ILE A 182 0.63 -1.40 -14.60
C ILE A 182 2.07 -0.91 -14.63
N LEU A 183 2.24 0.29 -15.18
CA LEU A 183 3.56 0.91 -15.23
C LEU A 183 3.72 1.69 -13.94
N VAL A 184 4.71 1.30 -13.13
CA VAL A 184 4.97 1.98 -11.88
C VAL A 184 6.14 2.94 -12.06
N PHE A 185 5.96 4.18 -11.65
CA PHE A 185 7.03 5.15 -11.78
C PHE A 185 7.36 5.71 -10.41
N TYR A 186 8.56 5.38 -9.92
CA TYR A 186 9.01 5.89 -8.64
C TYR A 186 9.73 7.21 -8.91
N THR A 187 9.23 8.28 -8.29
CA THR A 187 9.78 9.62 -8.47
C THR A 187 11.18 9.80 -7.94
N GLY A 188 11.58 8.95 -6.99
CA GLY A 188 12.91 9.11 -6.42
C GLY A 188 12.83 9.94 -5.15
N VAL A 189 11.60 10.30 -4.77
CA VAL A 189 11.37 11.08 -3.56
C VAL A 189 10.80 10.11 -2.53
N ARG A 190 11.62 9.74 -1.54
CA ARG A 190 11.19 8.81 -0.49
C ARG A 190 9.85 9.19 0.12
N SER A 195 3.24 11.55 6.21
CA SER A 195 3.62 11.46 7.62
C SER A 195 2.88 12.52 8.43
N SER A 196 3.39 13.75 8.38
CA SER A 196 2.79 14.87 9.10
C SER A 196 1.45 15.23 8.49
N GLU A 197 1.46 15.57 7.20
CA GLU A 197 0.24 15.93 6.51
C GLU A 197 -0.77 14.80 6.46
N TYR A 198 -0.29 13.56 6.57
CA TYR A 198 -1.17 12.40 6.57
C TYR A 198 -1.99 12.47 7.85
N ALA A 199 -1.29 12.70 8.96
CA ALA A 199 -1.91 12.80 10.27
C ALA A 199 -2.98 13.89 10.30
N GLU A 200 -2.63 15.06 9.77
CA GLU A 200 -3.55 16.19 9.70
C GLU A 200 -4.84 15.83 8.96
N ARG A 201 -4.67 15.26 7.76
CA ARG A 201 -5.82 14.86 6.95
C ARG A 201 -6.69 13.88 7.74
N LYS A 202 -6.03 12.93 8.40
CA LYS A 202 -6.72 11.92 9.18
C LYS A 202 -7.55 12.52 10.31
N HIS A 203 -6.97 13.48 11.04
CA HIS A 203 -7.68 14.13 12.14
C HIS A 203 -8.90 14.90 11.65
N ILE A 204 -8.73 15.62 10.54
CA ILE A 204 -9.81 16.40 9.95
C ILE A 204 -10.95 15.51 9.48
N ALA A 205 -10.58 14.38 8.88
CA ALA A 205 -11.58 13.44 8.37
C ALA A 205 -12.38 12.84 9.52
N GLU A 206 -11.71 12.54 10.62
CA GLU A 206 -12.37 11.96 11.78
C GLU A 206 -13.33 12.97 12.43
N GLU A 207 -12.93 14.23 12.51
CA GLU A 207 -13.80 15.27 13.07
C GLU A 207 -15.02 15.43 12.19
N SER A 208 -14.82 15.33 10.87
CA SER A 208 -15.92 15.46 9.92
C SER A 208 -16.97 14.38 10.13
N LEU A 209 -16.53 13.14 10.34
CA LEU A 209 -17.48 12.05 10.56
C LEU A 209 -18.30 12.32 11.81
N LYS A 210 -17.64 12.80 12.86
CA LYS A 210 -18.33 13.11 14.11
C LYS A 210 -19.31 14.25 13.93
N ILE A 211 -18.94 15.26 13.15
CA ILE A 211 -19.83 16.39 12.91
C ILE A 211 -21.07 15.92 12.16
N LEU A 212 -20.88 15.01 11.21
CA LEU A 212 -21.98 14.46 10.42
C LEU A 212 -22.72 13.34 11.13
N GLY A 213 -22.15 12.88 12.25
CA GLY A 213 -22.78 11.80 13.00
C GLY A 213 -22.76 10.48 12.27
N LYS A 214 -21.69 10.22 11.52
CA LYS A 214 -21.56 8.99 10.75
C LYS A 214 -20.31 8.22 11.15
N GLY A 215 -20.33 6.90 10.97
CA GLY A 215 -19.19 6.09 11.34
C GLY A 215 -18.31 5.74 10.14
N SER A 216 -18.81 6.01 8.94
CA SER A 216 -18.07 5.72 7.71
C SER A 216 -18.39 6.75 6.64
N SER A 217 -17.41 7.04 5.79
CA SER A 217 -17.62 7.99 4.70
C SER A 217 -18.58 7.43 3.65
N LYS A 218 -18.78 6.11 3.66
CA LYS A 218 -19.69 5.46 2.71
C LYS A 218 -21.11 6.00 2.89
N GLU A 219 -21.43 6.37 4.13
CA GLU A 219 -22.75 6.86 4.50
C GLU A 219 -22.96 8.35 4.28
N VAL A 220 -22.01 9.00 3.62
CA VAL A 220 -22.09 10.43 3.39
C VAL A 220 -22.33 10.81 1.93
N ARG A 221 -23.29 11.70 1.71
CA ARG A 221 -23.60 12.18 0.36
C ARG A 221 -23.02 13.59 0.19
N GLU A 222 -22.81 13.99 -1.06
CA GLU A 222 -22.24 15.32 -1.33
C GLU A 222 -23.08 16.44 -0.72
N GLY A 223 -24.38 16.25 -0.69
CA GLY A 223 -25.27 17.27 -0.12
C GLY A 223 -24.95 17.63 1.32
N GLU A 224 -24.71 16.61 2.13
CA GLU A 224 -24.41 16.79 3.55
C GLU A 224 -23.15 17.59 3.83
N LEU A 225 -22.25 17.63 2.86
CA LEU A 225 -20.97 18.34 3.03
C LEU A 225 -21.09 19.81 3.39
N SER A 226 -22.20 20.43 3.01
CA SER A 226 -22.39 21.85 3.28
C SER A 226 -22.43 22.13 4.78
N LYS A 227 -22.68 21.09 5.56
CA LYS A 227 -22.77 21.22 7.00
C LYS A 227 -21.40 21.24 7.67
N LEU A 228 -20.35 20.94 6.90
CA LEU A 228 -18.99 20.94 7.41
C LEU A 228 -18.28 22.28 7.23
N PRO A 229 -17.27 22.56 8.07
CA PRO A 229 -16.53 23.82 7.94
C PRO A 229 -15.83 23.79 6.59
N PRO A 230 -15.47 24.97 6.05
CA PRO A 230 -14.80 25.07 4.75
C PRO A 230 -13.66 24.08 4.49
N LEU A 231 -12.63 24.08 5.33
CA LEU A 231 -11.50 23.17 5.15
C LEU A 231 -11.92 21.71 5.21
N HIS A 232 -12.70 21.36 6.23
CA HIS A 232 -13.19 20.00 6.40
C HIS A 232 -13.95 19.57 5.16
N ARG A 233 -14.77 20.50 4.67
CA ARG A 233 -15.61 20.31 3.50
C ARG A 233 -14.78 20.06 2.24
N LYS A 234 -13.69 20.80 2.09
CA LYS A 234 -12.83 20.65 0.92
C LYS A 234 -12.21 19.26 0.88
N PHE A 235 -11.67 18.83 2.01
CA PHE A 235 -11.05 17.53 2.09
C PHE A 235 -12.05 16.38 2.03
N PHE A 236 -13.12 16.46 2.82
CA PHE A 236 -14.11 15.39 2.82
C PHE A 236 -14.83 15.22 1.49
N GLY A 237 -14.95 16.31 0.73
CA GLY A 237 -15.61 16.23 -0.56
C GLY A 237 -14.82 15.28 -1.46
N TYR A 238 -13.50 15.33 -1.33
CA TYR A 238 -12.64 14.45 -2.11
C TYR A 238 -12.93 12.99 -1.73
N ILE A 239 -13.03 12.73 -0.43
CA ILE A 239 -13.27 11.37 0.05
C ILE A 239 -14.57 10.81 -0.48
N VAL A 240 -15.62 11.61 -0.43
CA VAL A 240 -16.91 11.18 -0.93
C VAL A 240 -16.83 10.89 -2.43
N ARG A 241 -16.19 11.78 -3.18
CA ARG A 241 -16.04 11.57 -4.61
C ARG A 241 -15.21 10.32 -4.89
N GLU A 242 -14.19 10.10 -4.08
CA GLU A 242 -13.31 8.93 -4.25
C GLU A 242 -14.06 7.63 -4.00
N ASN A 243 -14.88 7.57 -2.96
CA ASN A 243 -15.64 6.35 -2.71
C ASN A 243 -16.50 6.03 -3.94
N ALA A 244 -17.14 7.05 -4.49
CA ALA A 244 -17.97 6.85 -5.67
C ALA A 244 -17.14 6.36 -6.85
N ARG A 245 -15.91 6.87 -6.99
CA ARG A 245 -15.05 6.43 -8.06
C ARG A 245 -14.65 4.96 -7.93
N VAL A 246 -14.45 4.50 -6.70
CA VAL A 246 -14.07 3.10 -6.50
C VAL A 246 -15.18 2.19 -7.02
N LEU A 247 -16.43 2.54 -6.72
CA LEU A 247 -17.56 1.75 -7.19
C LEU A 247 -17.65 1.79 -8.71
N GLU A 248 -17.35 2.93 -9.31
CA GLU A 248 -17.39 3.05 -10.76
C GLU A 248 -16.29 2.21 -11.40
N VAL A 249 -15.11 2.18 -10.80
CA VAL A 249 -14.02 1.39 -11.36
C VAL A 249 -14.39 -0.10 -11.24
N ARG A 250 -15.03 -0.45 -10.12
CA ARG A 250 -15.45 -1.83 -9.91
C ARG A 250 -16.36 -2.28 -11.06
N ASP A 251 -17.35 -1.47 -11.38
CA ASP A 251 -18.27 -1.82 -12.47
C ASP A 251 -17.55 -1.88 -13.80
N ALA A 252 -16.76 -0.85 -14.09
CA ALA A 252 -16.02 -0.79 -15.36
C ALA A 252 -15.12 -2.00 -15.53
N LEU A 253 -14.39 -2.37 -14.48
CA LEU A 253 -13.51 -3.54 -14.55
C LEU A 253 -14.30 -4.81 -14.82
N LYS A 254 -15.43 -4.97 -14.16
CA LYS A 254 -16.27 -6.15 -14.35
C LYS A 254 -16.72 -6.28 -15.80
N GLU A 255 -16.74 -5.16 -16.52
CA GLU A 255 -17.13 -5.17 -17.93
C GLU A 255 -15.91 -5.13 -18.83
N GLY A 256 -14.73 -5.08 -18.23
CA GLY A 256 -13.50 -5.03 -19.01
C GLY A 256 -13.31 -3.72 -19.73
N ASN A 257 -14.02 -2.68 -19.27
CA ASN A 257 -13.94 -1.35 -19.87
C ASN A 257 -12.73 -0.60 -19.31
N VAL A 258 -11.55 -0.96 -19.80
CA VAL A 258 -10.30 -0.34 -19.34
C VAL A 258 -10.21 1.15 -19.69
N GLU A 259 -10.86 1.55 -20.79
CA GLU A 259 -10.85 2.95 -21.18
C GLU A 259 -11.53 3.79 -20.08
N GLU A 260 -12.67 3.31 -19.58
CA GLU A 260 -13.37 4.03 -18.54
C GLU A 260 -12.57 4.01 -17.24
N VAL A 261 -12.02 2.85 -16.90
CA VAL A 261 -11.20 2.75 -15.69
C VAL A 261 -10.11 3.81 -15.73
N GLY A 262 -9.42 3.91 -16.87
CA GLY A 262 -8.36 4.90 -17.01
C GLY A 262 -8.81 6.33 -16.79
N LYS A 263 -9.95 6.70 -17.36
CA LYS A 263 -10.47 8.05 -17.20
C LYS A 263 -10.75 8.36 -15.73
N ILE A 264 -11.30 7.37 -15.01
CA ILE A 264 -11.59 7.57 -13.60
C ILE A 264 -10.31 7.77 -12.79
N LEU A 265 -9.29 6.98 -13.06
CA LEU A 265 -8.03 7.12 -12.33
C LEU A 265 -7.46 8.53 -12.53
N THR A 266 -7.55 9.04 -13.75
CA THR A 266 -7.04 10.36 -14.06
C THR A 266 -7.81 11.43 -13.31
N THR A 267 -9.14 11.30 -13.30
CA THR A 267 -9.98 12.25 -12.59
C THR A 267 -9.61 12.24 -11.11
N ALA A 268 -9.37 11.04 -10.59
CA ALA A 268 -9.01 10.89 -9.19
C ALA A 268 -7.67 11.56 -8.88
N HIS A 269 -6.71 11.41 -9.79
CA HIS A 269 -5.42 12.03 -9.55
C HIS A 269 -5.53 13.53 -9.38
N TRP A 270 -6.22 14.20 -10.31
CA TRP A 270 -6.35 15.64 -10.23
C TRP A 270 -7.18 16.09 -9.04
N ASP A 271 -8.07 15.22 -8.55
CA ASP A 271 -8.87 15.56 -7.38
C ASP A 271 -7.92 15.54 -6.17
N LEU A 272 -7.04 14.54 -6.11
CA LEU A 272 -6.06 14.45 -5.04
C LEU A 272 -5.10 15.62 -5.07
N ALA A 273 -4.66 15.99 -6.27
CA ALA A 273 -3.71 17.07 -6.44
C ALA A 273 -4.28 18.47 -6.16
N LYS A 274 -5.47 18.73 -6.69
CA LYS A 274 -6.08 20.05 -6.53
C LYS A 274 -6.90 20.26 -5.27
N ASN A 275 -7.65 19.25 -4.86
CA ASN A 275 -8.49 19.41 -3.67
C ASN A 275 -7.93 18.81 -2.39
N TYR A 276 -7.38 17.60 -2.46
CA TYR A 276 -6.83 17.01 -1.24
C TYR A 276 -5.41 17.53 -1.01
N GLU A 277 -4.83 18.08 -2.08
CA GLU A 277 -3.49 18.66 -2.05
C GLU A 277 -2.39 17.75 -1.51
N VAL A 278 -2.31 16.53 -2.04
CA VAL A 278 -1.29 15.60 -1.60
C VAL A 278 -0.37 15.11 -2.72
N SER A 279 -0.38 15.81 -3.86
CA SER A 279 0.50 15.42 -4.95
C SER A 279 1.71 16.34 -4.95
N CYS A 280 2.49 16.30 -6.02
CA CYS A 280 3.65 17.18 -6.16
C CYS A 280 3.94 17.26 -7.65
N LYS A 281 4.77 18.21 -8.06
CA LYS A 281 5.03 18.35 -9.49
C LYS A 281 5.67 17.12 -10.12
N GLU A 282 6.47 16.37 -9.38
CA GLU A 282 7.10 15.19 -9.93
C GLU A 282 6.04 14.14 -10.30
N LEU A 283 5.06 13.94 -9.42
CA LEU A 283 4.00 12.98 -9.71
C LEU A 283 3.12 13.47 -10.85
N ASP A 284 2.78 14.76 -10.80
CA ASP A 284 1.95 15.37 -11.84
C ASP A 284 2.61 15.29 -13.21
N PHE A 285 3.93 15.45 -13.25
CA PHE A 285 4.67 15.37 -14.50
C PHE A 285 4.49 13.98 -15.09
N PHE A 286 4.69 12.94 -14.29
CA PHE A 286 4.52 11.58 -14.78
C PHE A 286 3.11 11.34 -15.31
N VAL A 287 2.11 11.74 -14.54
CA VAL A 287 0.74 11.53 -14.98
C VAL A 287 0.45 12.19 -16.32
N GLU A 288 0.78 13.47 -16.45
CA GLU A 288 0.53 14.16 -17.71
C GLU A 288 1.26 13.54 -18.89
N ARG A 289 2.54 13.23 -18.72
CA ARG A 289 3.29 12.64 -19.82
C ARG A 289 2.79 11.25 -20.19
N ALA A 290 2.45 10.45 -19.17
CA ALA A 290 1.95 9.11 -19.43
C ALA A 290 0.68 9.18 -20.29
N LEU A 291 -0.17 10.15 -20.00
CA LEU A 291 -1.40 10.31 -20.76
C LEU A 291 -1.11 10.71 -22.20
N LYS A 292 -0.18 11.62 -22.41
CA LYS A 292 0.16 12.05 -23.77
C LYS A 292 0.77 10.90 -24.56
N LEU A 293 1.44 9.99 -23.86
CA LEU A 293 2.08 8.87 -24.54
C LEU A 293 1.18 7.65 -24.74
N GLY A 294 -0.10 7.81 -24.43
CA GLY A 294 -1.05 6.73 -24.66
C GLY A 294 -1.71 6.01 -23.50
N ALA A 295 -1.28 6.27 -22.27
CA ALA A 295 -1.88 5.59 -21.13
C ALA A 295 -3.38 5.79 -21.08
N TYR A 296 -4.09 4.74 -20.65
CA TYR A 296 -5.54 4.83 -20.52
C TYR A 296 -5.84 5.81 -19.39
N GLY A 297 -4.97 5.81 -18.39
CA GLY A 297 -5.11 6.67 -17.24
C GLY A 297 -3.88 6.56 -16.37
N ALA A 298 -3.71 7.50 -15.45
CA ALA A 298 -2.56 7.49 -14.55
C ALA A 298 -2.95 8.19 -13.28
N ARG A 299 -2.27 7.84 -12.18
CA ARG A 299 -2.60 8.42 -10.89
C ARG A 299 -1.49 8.11 -9.90
N LEU A 300 -1.30 8.98 -8.92
CA LEU A 300 -0.30 8.69 -7.91
C LEU A 300 -0.90 7.52 -7.14
N THR A 301 -0.06 6.75 -6.46
CA THR A 301 -0.56 5.64 -5.67
C THR A 301 0.07 5.77 -4.29
N GLY A 302 -0.69 5.41 -3.26
CA GLY A 302 -0.16 5.53 -1.92
C GLY A 302 -0.53 6.85 -1.28
N ALA A 303 0.27 7.28 -0.31
CA ALA A 303 0.02 8.51 0.43
C ALA A 303 0.17 9.82 -0.32
N GLY A 304 1.12 9.90 -1.25
CA GLY A 304 1.33 11.13 -2.00
C GLY A 304 2.61 11.83 -1.55
N PHE A 305 2.75 13.11 -1.93
CA PHE A 305 3.92 13.92 -1.59
C PHE A 305 5.23 13.24 -1.95
N GLY A 306 5.22 12.49 -3.03
CA GLY A 306 6.40 11.79 -3.47
C GLY A 306 6.01 10.34 -3.71
N GLY A 307 6.96 9.43 -3.56
CA GLY A 307 6.64 8.03 -3.78
C GLY A 307 6.47 7.70 -5.26
N SER A 308 5.53 6.81 -5.53
CA SER A 308 5.30 6.36 -6.90
C SER A 308 3.93 6.67 -7.47
N ALA A 309 3.84 6.62 -8.79
CA ALA A 309 2.59 6.80 -9.51
C ALA A 309 2.43 5.60 -10.41
N ILE A 310 1.23 5.40 -10.93
CA ILE A 310 0.96 4.30 -11.82
C ILE A 310 0.25 4.77 -13.07
N ALA A 311 0.43 4.01 -14.14
CA ALA A 311 -0.22 4.29 -15.40
C ALA A 311 -0.72 2.96 -15.95
N LEU A 312 -1.94 2.96 -16.45
CA LEU A 312 -2.50 1.75 -17.05
C LEU A 312 -2.16 1.87 -18.53
N VAL A 313 -1.34 0.95 -19.04
CA VAL A 313 -0.92 1.02 -20.43
C VAL A 313 -1.00 -0.32 -21.15
N ASP A 314 -0.95 -0.28 -22.48
CA ASP A 314 -0.97 -1.51 -23.25
C ASP A 314 0.33 -2.24 -22.93
N LYS A 315 0.26 -3.55 -22.72
CA LYS A 315 1.46 -4.32 -22.40
C LYS A 315 2.62 -4.11 -23.37
N GLU A 316 2.31 -4.02 -24.66
CA GLU A 316 3.35 -3.84 -25.67
C GLU A 316 4.04 -2.47 -25.65
N ASP A 317 3.42 -1.50 -24.99
CA ASP A 317 3.98 -0.15 -24.92
C ASP A 317 4.57 0.21 -23.56
N ALA A 318 4.40 -0.65 -22.58
CA ALA A 318 4.88 -0.40 -21.22
C ALA A 318 6.34 0.01 -21.12
N GLU A 319 7.23 -0.76 -21.72
CA GLU A 319 8.66 -0.47 -21.67
C GLU A 319 8.99 0.86 -22.35
N THR A 320 8.50 1.05 -23.56
CA THR A 320 8.76 2.28 -24.31
C THR A 320 8.23 3.53 -23.59
N ILE A 321 7.03 3.46 -23.05
CA ILE A 321 6.48 4.63 -22.36
C ILE A 321 7.32 4.92 -21.12
N GLY A 322 7.66 3.88 -20.36
CA GLY A 322 8.46 4.07 -19.17
C GLY A 322 9.82 4.66 -19.49
N GLU A 323 10.46 4.14 -20.53
CA GLU A 323 11.77 4.61 -20.94
C GLU A 323 11.75 6.07 -21.40
N GLU A 324 10.76 6.42 -22.21
CA GLU A 324 10.67 7.78 -22.71
C GLU A 324 10.43 8.79 -21.61
N ILE A 325 9.53 8.47 -20.69
CA ILE A 325 9.22 9.38 -19.59
C ILE A 325 10.40 9.49 -18.63
N LEU A 326 11.08 8.38 -18.34
CA LEU A 326 12.22 8.44 -17.44
C LEU A 326 13.30 9.36 -18.01
N ARG A 327 13.58 9.25 -19.31
CA ARG A 327 14.59 10.10 -19.91
C ARG A 327 14.20 11.58 -19.78
N GLU A 328 12.93 11.89 -20.03
CA GLU A 328 12.48 13.27 -19.91
C GLU A 328 12.56 13.73 -18.46
N TYR A 329 12.15 12.85 -17.55
CA TYR A 329 12.13 13.15 -16.13
C TYR A 329 13.50 13.44 -15.56
N LEU A 330 14.49 12.64 -15.91
CA LEU A 330 15.84 12.85 -15.38
C LEU A 330 16.47 14.15 -15.85
N LYS A 331 15.97 14.72 -16.95
CA LYS A 331 16.49 15.99 -17.44
C LYS A 331 15.86 17.13 -16.66
N ARG A 332 14.71 16.85 -16.04
CA ARG A 332 13.96 17.85 -15.29
C ARG A 332 14.15 17.83 -13.77
N PHE A 333 14.30 16.64 -13.19
CA PHE A 333 14.45 16.49 -11.75
C PHE A 333 15.73 15.73 -11.40
N PRO A 334 16.32 16.04 -10.24
CA PRO A 334 17.57 15.40 -9.77
C PRO A 334 17.50 14.07 -9.03
N TRP A 335 16.31 13.52 -8.88
CA TRP A 335 16.16 12.27 -8.13
C TRP A 335 16.46 11.01 -8.92
N LYS A 336 16.72 9.92 -8.20
CA LYS A 336 17.02 8.64 -8.84
C LYS A 336 15.72 7.89 -9.10
N ALA A 337 14.96 8.39 -10.06
CA ALA A 337 13.68 7.79 -10.44
C ALA A 337 13.89 6.44 -11.12
N ARG A 338 12.87 5.58 -11.03
CA ARG A 338 12.93 4.27 -11.64
C ARG A 338 11.53 3.89 -12.10
N HIS A 339 11.44 3.00 -13.08
CA HIS A 339 10.14 2.54 -13.53
C HIS A 339 10.13 1.01 -13.48
N PHE A 340 8.96 0.46 -13.21
CA PHE A 340 8.81 -0.99 -13.11
C PHE A 340 7.51 -1.37 -13.79
N ILE A 341 7.45 -2.55 -14.36
CA ILE A 341 6.21 -3.05 -14.95
C ILE A 341 5.79 -4.14 -13.97
N VAL A 342 4.63 -3.98 -13.36
CA VAL A 342 4.14 -4.96 -12.40
C VAL A 342 2.80 -5.54 -12.80
N GLU A 343 2.48 -6.69 -12.23
CA GLU A 343 1.21 -7.34 -12.50
C GLU A 343 0.59 -7.77 -11.18
N PRO A 344 -0.74 -7.87 -11.12
CA PRO A 344 -1.44 -8.28 -9.89
C PRO A 344 -0.99 -9.69 -9.54
N SER A 345 -0.56 -9.89 -8.31
CA SER A 345 -0.05 -11.19 -7.90
C SER A 345 -0.67 -11.77 -6.62
N ASP A 346 -0.26 -12.98 -6.28
CA ASP A 346 -0.75 -13.64 -5.06
C ASP A 346 -0.17 -12.98 -3.83
N GLY A 347 -0.86 -13.13 -2.71
CA GLY A 347 -0.41 -12.58 -1.45
C GLY A 347 0.77 -13.35 -0.87
N VAL A 348 1.16 -12.99 0.35
CA VAL A 348 2.30 -13.63 1.02
C VAL A 348 2.20 -15.14 1.05
N GLY A 349 3.35 -15.79 0.85
CA GLY A 349 3.41 -17.25 0.85
C GLY A 349 4.78 -17.71 0.39
N ILE A 350 4.82 -18.83 -0.30
CA ILE A 350 6.09 -19.35 -0.81
C ILE A 350 6.37 -18.89 -2.24
CL CL B . 7.32 2.23 0.98
C1 GOL C . 13.04 -4.29 4.21
O1 GOL C . 12.20 -3.31 3.68
C2 GOL C . 14.12 -3.65 5.08
O2 GOL C . 13.50 -2.89 6.09
C3 GOL C . 15.05 -4.68 5.71
O3 GOL C . 15.78 -5.37 4.73
C1 GOL D . 15.22 -6.20 1.31
O1 GOL D . 16.39 -5.82 2.01
C2 GOL D . 15.18 -5.51 -0.07
O2 GOL D . 14.17 -6.12 -0.85
C3 GOL D . 14.92 -4.01 0.02
O3 GOL D . 15.03 -3.42 -1.24
#